data_8HZW
#
_entry.id   8HZW
#
_entity_poly.entity_id   1
_entity_poly.type   'polypeptide(L)'
_entity_poly.pdbx_seq_one_letter_code
;APSNVLS(DBU)LLWGRACV
;
_entity_poly.pdbx_strand_id   A
#
# COMPACT_ATOMS: atom_id res chain seq x y z
N ALA A 1 -3.45 -4.51 -4.03
CA ALA A 1 -4.56 -3.51 -4.12
C ALA A 1 -4.01 -2.12 -3.79
N PRO A 2 -4.73 -1.09 -4.15
CA PRO A 2 -4.30 0.32 -3.88
C PRO A 2 -4.07 0.56 -2.39
N SER A 3 -2.99 1.26 -2.08
CA SER A 3 -2.66 1.56 -0.69
C SER A 3 -3.74 2.44 -0.06
N ASN A 4 -4.24 3.39 -0.84
CA ASN A 4 -5.27 4.31 -0.37
C ASN A 4 -4.75 5.16 0.78
N VAL A 5 -4.78 4.61 1.99
CA VAL A 5 -4.30 5.34 3.15
C VAL A 5 -2.97 4.77 3.64
N LEU A 6 -2.91 3.45 3.76
CA LEU A 6 -1.71 2.78 4.24
C LEU A 6 -0.84 2.28 3.08
N SER A 7 -1.31 2.42 1.84
CA SER A 7 -0.54 1.96 0.68
C SER A 7 0.80 2.68 0.63
N LEU A 9 2.80 3.74 2.92
CA LEU A 9 3.82 3.22 3.82
C LEU A 9 4.50 1.99 3.22
N LEU A 10 3.70 1.13 2.59
CA LEU A 10 4.22 -0.08 1.98
C LEU A 10 4.14 0.03 0.45
N TRP A 11 4.26 1.25 -0.06
CA TRP A 11 4.17 1.46 -1.49
C TRP A 11 5.21 0.64 -2.24
N GLY A 12 4.72 -0.18 -3.18
CA GLY A 12 5.62 -1.01 -3.97
C GLY A 12 6.17 -2.16 -3.13
N ARG A 13 5.60 -2.39 -1.95
CA ARG A 13 6.05 -3.45 -1.07
C ARG A 13 4.90 -4.37 -0.67
N ALA A 14 3.83 -3.79 -0.14
CA ALA A 14 2.69 -4.59 0.28
C ALA A 14 1.51 -3.71 0.72
N CYS A 15 0.59 -3.44 -0.20
CA CYS A 15 -0.58 -2.62 0.13
C CYS A 15 -1.83 -3.50 0.23
N VAL A 16 -1.68 -4.70 0.78
CA VAL A 16 -2.80 -5.61 0.93
C VAL A 16 -2.66 -6.43 2.21
N ALA A 1 -3.29 -4.68 -3.97
CA ALA A 1 -4.40 -3.70 -4.10
C ALA A 1 -3.89 -2.30 -3.76
N PRO A 2 -4.63 -1.28 -4.13
CA PRO A 2 -4.23 0.13 -3.85
C PRO A 2 -4.03 0.37 -2.36
N SER A 3 -2.97 1.10 -2.02
CA SER A 3 -2.66 1.41 -0.62
C SER A 3 -3.78 2.26 -0.02
N ASN A 4 -4.27 3.22 -0.79
CA ASN A 4 -5.33 4.11 -0.33
C ASN A 4 -4.83 5.02 0.79
N VAL A 5 -4.66 4.46 1.98
CA VAL A 5 -4.17 5.23 3.11
C VAL A 5 -2.86 4.64 3.62
N LEU A 6 -2.85 3.32 3.80
CA LEU A 6 -1.67 2.63 4.29
C LEU A 6 -0.80 2.14 3.13
N SER A 7 -1.29 2.28 1.90
CA SER A 7 -0.52 1.84 0.73
C SER A 7 0.79 2.59 0.65
N LEU A 9 2.80 3.72 2.92
CA LEU A 9 3.86 3.23 3.80
C LEU A 9 4.55 2.02 3.19
N LEU A 10 3.77 1.15 2.57
CA LEU A 10 4.31 -0.05 1.94
C LEU A 10 4.19 0.07 0.43
N TRP A 11 4.28 1.29 -0.09
CA TRP A 11 4.15 1.50 -1.52
C TRP A 11 5.21 0.70 -2.28
N GLY A 12 4.73 -0.11 -3.21
CA GLY A 12 5.62 -0.93 -4.02
C GLY A 12 6.21 -2.07 -3.19
N ARG A 13 5.66 -2.30 -2.00
CA ARG A 13 6.17 -3.36 -1.13
C ARG A 13 5.04 -4.30 -0.72
N ALA A 14 3.96 -3.76 -0.17
CA ALA A 14 2.84 -4.59 0.26
C ALA A 14 1.64 -3.75 0.70
N CYS A 15 0.72 -3.50 -0.22
CA CYS A 15 -0.49 -2.74 0.11
C CYS A 15 -1.70 -3.67 0.18
N VAL A 16 -2.46 -3.55 1.26
CA VAL A 16 -3.66 -4.38 1.44
C VAL A 16 -3.34 -5.85 1.14
N ALA A 1 -3.45 -4.50 -4.04
CA ALA A 1 -4.56 -3.51 -4.12
C ALA A 1 -4.01 -2.12 -3.79
N PRO A 2 -4.74 -1.09 -4.15
CA PRO A 2 -4.31 0.32 -3.88
C PRO A 2 -4.08 0.56 -2.38
N SER A 3 -2.99 1.26 -2.08
CA SER A 3 -2.66 1.56 -0.69
C SER A 3 -3.73 2.44 -0.06
N ASN A 4 -4.24 3.39 -0.84
CA ASN A 4 -5.27 4.31 -0.37
C ASN A 4 -4.74 5.15 0.79
N VAL A 5 -4.79 4.61 2.00
CA VAL A 5 -4.31 5.33 3.17
C VAL A 5 -2.98 4.75 3.64
N LEU A 6 -2.92 3.43 3.76
CA LEU A 6 -1.70 2.78 4.23
C LEU A 6 -0.83 2.27 3.08
N SER A 7 -1.31 2.42 1.83
CA SER A 7 -0.53 1.96 0.68
C SER A 7 0.81 2.68 0.62
N LEU A 9 2.81 3.75 2.92
CA LEU A 9 3.84 3.23 3.82
C LEU A 9 4.51 1.99 3.22
N LEU A 10 3.71 1.14 2.60
CA LEU A 10 4.23 -0.08 1.97
C LEU A 10 4.14 0.03 0.46
N TRP A 11 4.26 1.25 -0.06
CA TRP A 11 4.17 1.46 -1.49
C TRP A 11 5.21 0.64 -2.24
N GLY A 12 4.72 -0.18 -3.18
CA GLY A 12 5.61 -1.02 -3.96
C GLY A 12 6.16 -2.17 -3.13
N ARG A 13 5.58 -2.38 -1.94
CA ARG A 13 6.05 -3.46 -1.07
C ARG A 13 4.90 -4.37 -0.67
N ALA A 14 3.83 -3.80 -0.13
CA ALA A 14 2.68 -4.59 0.29
C ALA A 14 1.51 -3.71 0.72
N CYS A 15 0.60 -3.43 -0.20
CA CYS A 15 -0.58 -2.62 0.13
C CYS A 15 -1.83 -3.50 0.22
N VAL A 16 -1.67 -4.70 0.77
CA VAL A 16 -2.80 -5.61 0.91
C VAL A 16 -2.67 -6.42 2.20
N ALA A 1 -3.45 -4.50 -4.04
CA ALA A 1 -4.56 -3.51 -4.12
C ALA A 1 -4.02 -2.12 -3.79
N PRO A 2 -4.74 -1.09 -4.15
CA PRO A 2 -4.31 0.32 -3.88
C PRO A 2 -4.07 0.56 -2.39
N SER A 3 -2.99 1.26 -2.08
CA SER A 3 -2.66 1.56 -0.69
C SER A 3 -3.73 2.44 -0.06
N ASN A 4 -4.24 3.39 -0.84
CA ASN A 4 -5.28 4.31 -0.36
C ASN A 4 -4.74 5.15 0.79
N VAL A 5 -4.80 4.61 2.00
CA VAL A 5 -4.31 5.33 3.17
C VAL A 5 -2.98 4.75 3.64
N LEU A 6 -2.92 3.43 3.76
CA LEU A 6 -1.70 2.78 4.23
C LEU A 6 -0.83 2.27 3.08
N SER A 7 -1.31 2.42 1.83
CA SER A 7 -0.54 1.96 0.67
C SER A 7 0.80 2.68 0.62
N LEU A 9 2.81 3.75 2.92
CA LEU A 9 3.85 3.23 3.81
C LEU A 9 4.51 2.00 3.22
N LEU A 10 3.71 1.14 2.60
CA LEU A 10 4.22 -0.08 1.98
C LEU A 10 4.15 0.03 0.45
N TRP A 11 4.26 1.25 -0.06
CA TRP A 11 4.17 1.46 -1.49
C TRP A 11 5.22 0.64 -2.24
N GLY A 12 4.73 -0.18 -3.18
CA GLY A 12 5.63 -1.01 -3.96
C GLY A 12 6.18 -2.17 -3.12
N ARG A 13 5.58 -2.39 -1.94
CA ARG A 13 6.04 -3.47 -1.07
C ARG A 13 4.89 -4.38 -0.67
N ALA A 14 3.83 -3.80 -0.13
CA ALA A 14 2.68 -4.59 0.29
C ALA A 14 1.51 -3.71 0.72
N CYS A 15 0.59 -3.44 -0.20
CA CYS A 15 -0.58 -2.62 0.13
C CYS A 15 -1.83 -3.50 0.22
N VAL A 16 -1.68 -4.69 0.78
CA VAL A 16 -2.80 -5.61 0.92
C VAL A 16 -2.67 -6.41 2.21
N ALA A 1 -3.19 -4.70 -4.04
CA ALA A 1 -4.34 -3.75 -4.11
C ALA A 1 -3.86 -2.35 -3.76
N PRO A 2 -4.64 -1.35 -4.08
CA PRO A 2 -4.28 0.07 -3.79
C PRO A 2 -4.03 0.31 -2.31
N SER A 3 -2.97 1.05 -2.00
CA SER A 3 -2.63 1.35 -0.62
C SER A 3 -3.72 2.18 0.03
N ASN A 4 -4.27 3.12 -0.74
CA ASN A 4 -5.33 4.00 -0.24
C ASN A 4 -4.83 4.84 0.93
N VAL A 5 -4.89 4.28 2.13
CA VAL A 5 -4.44 5.01 3.32
C VAL A 5 -3.07 4.53 3.78
N LEU A 6 -2.87 3.22 3.82
CA LEU A 6 -1.61 2.66 4.27
C LEU A 6 -0.74 2.16 3.10
N SER A 7 -1.24 2.28 1.87
CA SER A 7 -0.49 1.83 0.70
C SER A 7 0.83 2.59 0.61
N LEU A 9 2.85 3.76 2.85
CA LEU A 9 3.91 3.29 3.73
C LEU A 9 4.60 2.07 3.13
N LEU A 10 3.82 1.18 2.54
CA LEU A 10 4.36 -0.02 1.91
C LEU A 10 4.23 0.06 0.40
N TRP A 11 4.31 1.27 -0.13
CA TRP A 11 4.17 1.47 -1.58
C TRP A 11 5.21 0.67 -2.33
N GLY A 12 4.74 -0.18 -3.24
CA GLY A 12 5.63 -1.01 -4.04
C GLY A 12 6.25 -2.12 -3.19
N ARG A 13 5.71 -2.33 -1.99
CA ARG A 13 6.23 -3.37 -1.11
C ARG A 13 5.13 -4.32 -0.66
N ALA A 14 4.05 -3.77 -0.11
CA ALA A 14 2.95 -4.61 0.34
C ALA A 14 1.74 -3.78 0.80
N CYS A 15 0.82 -3.53 -0.11
CA CYS A 15 -0.39 -2.77 0.23
C CYS A 15 -1.58 -3.70 0.37
N VAL A 16 -2.47 -3.38 1.31
CA VAL A 16 -3.66 -4.19 1.54
C VAL A 16 -4.36 -4.52 0.23
N ALA A 1 -3.59 -4.53 -4.08
CA ALA A 1 -4.72 -3.56 -4.06
C ALA A 1 -4.20 -2.17 -3.74
N PRO A 2 -4.96 -1.14 -4.04
CA PRO A 2 -4.54 0.27 -3.76
C PRO A 2 -4.22 0.50 -2.30
N SER A 3 -3.13 1.21 -2.04
CA SER A 3 -2.73 1.51 -0.68
C SER A 3 -3.77 2.37 0.02
N ASN A 4 -4.32 3.32 -0.73
CA ASN A 4 -5.33 4.22 -0.18
C ASN A 4 -4.75 5.08 0.94
N VAL A 5 -4.70 4.52 2.15
CA VAL A 5 -4.15 5.25 3.29
C VAL A 5 -2.79 4.67 3.69
N LEU A 6 -2.72 3.35 3.80
CA LEU A 6 -1.49 2.68 4.19
C LEU A 6 -0.68 2.20 2.98
N SER A 7 -1.23 2.35 1.77
CA SER A 7 -0.53 1.92 0.57
C SER A 7 0.79 2.67 0.44
N LEU A 9 2.83 4.02 2.74
CA LEU A 9 3.88 3.59 3.65
C LEU A 9 4.48 2.27 3.17
N LEU A 10 3.63 1.38 2.69
CA LEU A 10 4.06 0.09 2.19
C LEU A 10 4.06 0.09 0.66
N TRP A 11 4.26 1.27 0.08
CA TRP A 11 4.25 1.41 -1.36
C TRP A 11 5.38 0.63 -2.01
N GLY A 12 5.01 -0.21 -2.97
CA GLY A 12 6.00 -1.02 -3.68
C GLY A 12 6.42 -2.25 -2.87
N ARG A 13 5.82 -2.42 -1.69
CA ARG A 13 6.17 -3.55 -0.84
C ARG A 13 4.96 -4.47 -0.65
N ALA A 14 3.82 -3.88 -0.30
CA ALA A 14 2.60 -4.66 -0.10
C ALA A 14 1.46 -3.78 0.41
N CYS A 15 0.53 -3.46 -0.47
CA CYS A 15 -0.62 -2.64 -0.09
C CYS A 15 -1.88 -3.48 0.02
N VAL A 16 -1.73 -4.70 0.54
CA VAL A 16 -2.87 -5.59 0.70
C VAL A 16 -3.01 -6.04 2.15
N ALA A 1 -3.32 -4.65 -4.02
CA ALA A 1 -4.45 -3.67 -4.12
C ALA A 1 -3.94 -2.28 -3.79
N PRO A 2 -4.68 -1.26 -4.13
CA PRO A 2 -4.28 0.16 -3.84
C PRO A 2 -4.04 0.39 -2.36
N SER A 3 -2.98 1.12 -2.05
CA SER A 3 -2.64 1.42 -0.67
C SER A 3 -3.73 2.27 -0.02
N ASN A 4 -4.25 3.22 -0.80
CA ASN A 4 -5.29 4.12 -0.32
C ASN A 4 -4.76 4.97 0.84
N VAL A 5 -4.78 4.43 2.04
CA VAL A 5 -4.29 5.17 3.20
C VAL A 5 -2.95 4.60 3.67
N LEU A 6 -2.89 3.28 3.80
CA LEU A 6 -1.66 2.63 4.26
C LEU A 6 -0.79 2.15 3.09
N SER A 7 -1.28 2.29 1.86
CA SER A 7 -0.51 1.85 0.69
C SER A 7 0.81 2.60 0.62
N LEU A 9 2.81 3.73 2.91
CA LEU A 9 3.86 3.25 3.79
C LEU A 9 4.57 2.04 3.18
N LEU A 10 3.78 1.16 2.57
CA LEU A 10 4.32 -0.05 1.94
C LEU A 10 4.21 0.06 0.42
N TRP A 11 4.30 1.28 -0.09
CA TRP A 11 4.18 1.49 -1.52
C TRP A 11 5.23 0.69 -2.27
N GLY A 12 4.77 -0.13 -3.21
CA GLY A 12 5.66 -0.95 -4.01
C GLY A 12 6.25 -2.08 -3.16
N ARG A 13 5.68 -2.32 -1.99
CA ARG A 13 6.17 -3.37 -1.11
C ARG A 13 5.05 -4.32 -0.70
N ALA A 14 3.96 -3.76 -0.16
CA ALA A 14 2.84 -4.59 0.28
C ALA A 14 1.65 -3.76 0.71
N CYS A 15 0.73 -3.49 -0.21
CA CYS A 15 -0.47 -2.73 0.11
C CYS A 15 -1.69 -3.66 0.19
N VAL A 16 -2.45 -3.53 1.26
CA VAL A 16 -3.64 -4.36 1.47
C VAL A 16 -3.33 -5.83 1.20
N ALA A 1 -3.26 -4.69 -4.03
CA ALA A 1 -4.38 -3.70 -4.20
C ALA A 1 -3.87 -2.31 -3.82
N PRO A 2 -4.61 -1.29 -4.16
CA PRO A 2 -4.24 0.12 -3.85
C PRO A 2 -4.02 0.34 -2.36
N SER A 3 -2.96 1.07 -2.04
CA SER A 3 -2.64 1.36 -0.65
C SER A 3 -3.74 2.19 0.00
N ASN A 4 -4.28 3.13 -0.77
CA ASN A 4 -5.34 4.00 -0.28
C ASN A 4 -4.83 4.87 0.88
N VAL A 5 -4.85 4.32 2.08
CA VAL A 5 -4.39 5.06 3.25
C VAL A 5 -3.02 4.54 3.71
N LEU A 6 -2.90 3.23 3.83
CA LEU A 6 -1.65 2.62 4.28
C LEU A 6 -0.79 2.14 3.12
N SER A 7 -1.28 2.27 1.88
CA SER A 7 -0.52 1.83 0.72
C SER A 7 0.81 2.58 0.63
N LEU A 9 2.82 3.70 2.88
CA LEU A 9 3.87 3.23 3.76
C LEU A 9 4.59 2.02 3.15
N LEU A 10 3.81 1.13 2.54
CA LEU A 10 4.36 -0.06 1.91
C LEU A 10 4.24 0.04 0.39
N TRP A 11 4.29 1.26 -0.12
CA TRP A 11 4.14 1.48 -1.56
C TRP A 11 5.19 0.68 -2.33
N GLY A 12 4.73 -0.14 -3.26
CA GLY A 12 5.63 -0.95 -4.07
C GLY A 12 6.26 -2.06 -3.23
N ARG A 13 5.71 -2.31 -2.05
CA ARG A 13 6.25 -3.36 -1.19
C ARG A 13 5.14 -4.32 -0.74
N ALA A 14 4.08 -3.78 -0.16
CA ALA A 14 2.97 -4.63 0.30
C ALA A 14 1.79 -3.79 0.80
N CYS A 15 0.84 -3.54 -0.09
CA CYS A 15 -0.36 -2.79 0.28
C CYS A 15 -1.53 -3.74 0.51
N VAL A 16 -2.41 -3.37 1.44
CA VAL A 16 -3.58 -4.19 1.74
C VAL A 16 -4.31 -4.59 0.46
N ALA A 1 -3.45 -4.50 -4.05
CA ALA A 1 -4.57 -3.51 -4.13
C ALA A 1 -4.02 -2.12 -3.79
N PRO A 2 -4.75 -1.08 -4.15
CA PRO A 2 -4.31 0.32 -3.88
C PRO A 2 -4.07 0.56 -2.39
N SER A 3 -3.00 1.26 -2.08
CA SER A 3 -2.66 1.57 -0.70
C SER A 3 -3.74 2.44 -0.06
N ASN A 4 -4.25 3.39 -0.85
CA ASN A 4 -5.28 4.31 -0.36
C ASN A 4 -4.74 5.15 0.80
N VAL A 5 -4.81 4.60 2.00
CA VAL A 5 -4.32 5.32 3.17
C VAL A 5 -2.99 4.75 3.65
N LEU A 6 -2.92 3.43 3.76
CA LEU A 6 -1.70 2.76 4.23
C LEU A 6 -0.83 2.26 3.07
N SER A 7 -1.31 2.42 1.83
CA SER A 7 -0.54 1.96 0.67
C SER A 7 0.80 2.68 0.62
N LEU A 9 2.82 3.75 2.91
CA LEU A 9 3.85 3.23 3.81
C LEU A 9 4.51 1.99 3.21
N LEU A 10 3.70 1.14 2.59
CA LEU A 10 4.21 -0.08 1.97
C LEU A 10 4.12 0.03 0.46
N TRP A 11 4.26 1.25 -0.06
CA TRP A 11 4.16 1.47 -1.49
C TRP A 11 5.20 0.65 -2.25
N GLY A 12 4.72 -0.20 -3.14
CA GLY A 12 5.62 -1.04 -3.93
C GLY A 12 6.12 -2.23 -3.14
N ARG A 13 5.66 -2.37 -1.89
CA ARG A 13 6.09 -3.48 -1.06
C ARG A 13 4.92 -4.38 -0.67
N ALA A 14 3.85 -3.79 -0.14
CA ALA A 14 2.69 -4.57 0.27
C ALA A 14 1.52 -3.69 0.70
N CYS A 15 0.59 -3.43 -0.22
CA CYS A 15 -0.58 -2.62 0.11
C CYS A 15 -1.83 -3.49 0.21
N VAL A 16 -1.68 -4.68 0.78
CA VAL A 16 -2.80 -5.60 0.93
C VAL A 16 -2.66 -6.41 2.21
N ALA A 1 -3.41 -4.62 -4.08
CA ALA A 1 -4.56 -3.68 -4.12
C ALA A 1 -4.06 -2.27 -3.77
N PRO A 2 -4.83 -1.26 -4.07
CA PRO A 2 -4.46 0.15 -3.78
C PRO A 2 -4.16 0.38 -2.30
N SER A 3 -3.09 1.11 -2.04
CA SER A 3 -2.69 1.41 -0.66
C SER A 3 -3.75 2.25 0.02
N ASN A 4 -4.32 3.19 -0.72
CA ASN A 4 -5.34 4.08 -0.18
C ASN A 4 -4.77 4.92 0.95
N VAL A 5 -4.75 4.37 2.15
CA VAL A 5 -4.22 5.09 3.31
C VAL A 5 -2.85 4.54 3.71
N LEU A 6 -2.75 3.21 3.81
CA LEU A 6 -1.50 2.58 4.21
C LEU A 6 -0.68 2.12 3.01
N SER A 7 -1.23 2.26 1.79
CA SER A 7 -0.50 1.84 0.59
C SER A 7 0.80 2.61 0.47
N LEU A 9 2.83 3.95 2.76
CA LEU A 9 3.90 3.53 3.66
C LEU A 9 4.52 2.23 3.15
N LEU A 10 3.67 1.33 2.65
CA LEU A 10 4.13 0.05 2.13
C LEU A 10 4.10 0.08 0.60
N TRP A 11 4.28 1.28 0.05
CA TRP A 11 4.24 1.44 -1.40
C TRP A 11 5.37 0.68 -2.08
N GLY A 12 5.00 -0.16 -3.05
CA GLY A 12 5.98 -0.93 -3.79
C GLY A 12 6.43 -2.17 -3.00
N ARG A 13 5.86 -2.35 -1.81
CA ARG A 13 6.23 -3.50 -0.98
C ARG A 13 5.04 -4.43 -0.78
N ALA A 14 3.94 -3.89 -0.28
CA ALA A 14 2.75 -4.70 -0.05
C ALA A 14 1.58 -3.85 0.46
N CYS A 15 0.66 -3.52 -0.41
CA CYS A 15 -0.51 -2.73 -0.03
C CYS A 15 -1.74 -3.63 0.10
N VAL A 16 -2.43 -3.51 1.25
CA VAL A 16 -3.61 -4.32 1.51
C VAL A 16 -3.38 -5.77 1.13
N ALA A 1 -3.27 -4.67 -4.06
CA ALA A 1 -4.38 -3.69 -4.21
C ALA A 1 -3.88 -2.30 -3.84
N PRO A 2 -4.62 -1.28 -4.18
CA PRO A 2 -4.25 0.14 -3.86
C PRO A 2 -4.03 0.34 -2.37
N SER A 3 -2.97 1.08 -2.04
CA SER A 3 -2.64 1.36 -0.65
C SER A 3 -3.74 2.19 0.00
N ASN A 4 -4.29 3.14 -0.76
CA ASN A 4 -5.34 4.01 -0.27
C ASN A 4 -4.85 4.86 0.90
N VAL A 5 -4.86 4.30 2.10
CA VAL A 5 -4.41 5.03 3.28
C VAL A 5 -3.04 4.53 3.74
N LEU A 6 -2.90 3.21 3.83
CA LEU A 6 -1.64 2.62 4.27
C LEU A 6 -0.78 2.14 3.11
N SER A 7 -1.28 2.27 1.88
CA SER A 7 -0.52 1.83 0.71
C SER A 7 0.81 2.58 0.62
N LEU A 9 2.83 3.71 2.87
CA LEU A 9 3.90 3.24 3.75
C LEU A 9 4.59 2.02 3.14
N LEU A 10 3.81 1.14 2.54
CA LEU A 10 4.36 -0.05 1.90
C LEU A 10 4.20 0.05 0.39
N TRP A 11 4.29 1.27 -0.13
CA TRP A 11 4.13 1.48 -1.56
C TRP A 11 5.18 0.69 -2.35
N GLY A 12 4.71 -0.19 -3.22
CA GLY A 12 5.61 -0.99 -4.04
C GLY A 12 6.19 -2.16 -3.25
N ARG A 13 5.78 -2.30 -1.99
CA ARG A 13 6.29 -3.38 -1.15
C ARG A 13 5.17 -4.33 -0.72
N ALA A 14 4.10 -3.77 -0.15
CA ALA A 14 2.99 -4.60 0.30
C ALA A 14 1.80 -3.77 0.79
N CYS A 15 0.84 -3.53 -0.10
CA CYS A 15 -0.36 -2.78 0.27
C CYS A 15 -1.53 -3.73 0.50
N VAL A 16 -2.41 -3.36 1.43
CA VAL A 16 -3.58 -4.19 1.73
C VAL A 16 -4.30 -4.58 0.46
N ALA A 1 -3.33 -4.64 -4.03
CA ALA A 1 -4.46 -3.66 -4.12
C ALA A 1 -3.94 -2.27 -3.78
N PRO A 2 -4.69 -1.24 -4.13
CA PRO A 2 -4.29 0.16 -3.84
C PRO A 2 -4.05 0.39 -2.36
N SER A 3 -2.99 1.12 -2.05
CA SER A 3 -2.64 1.42 -0.67
C SER A 3 -3.73 2.27 -0.02
N ASN A 4 -4.25 3.22 -0.80
CA ASN A 4 -5.30 4.12 -0.31
C ASN A 4 -4.78 4.98 0.85
N VAL A 5 -4.79 4.42 2.05
CA VAL A 5 -4.30 5.15 3.22
C VAL A 5 -2.95 4.59 3.68
N LEU A 6 -2.88 3.28 3.80
CA LEU A 6 -1.65 2.62 4.25
C LEU A 6 -0.79 2.15 3.09
N SER A 7 -1.28 2.29 1.86
CA SER A 7 -0.51 1.85 0.69
C SER A 7 0.81 2.60 0.61
N LEU A 9 2.81 3.74 2.90
CA LEU A 9 3.87 3.25 3.78
C LEU A 9 4.55 2.03 3.17
N LEU A 10 3.76 1.15 2.57
CA LEU A 10 4.30 -0.05 1.94
C LEU A 10 4.18 0.06 0.42
N TRP A 11 4.30 1.28 -0.09
CA TRP A 11 4.17 1.49 -1.53
C TRP A 11 5.22 0.71 -2.28
N GLY A 12 4.76 -0.17 -3.18
CA GLY A 12 5.66 -0.97 -3.97
C GLY A 12 6.20 -2.16 -3.18
N ARG A 13 5.76 -2.30 -1.93
CA ARG A 13 6.22 -3.40 -1.09
C ARG A 13 5.07 -4.32 -0.70
N ALA A 14 3.99 -3.75 -0.15
CA ALA A 14 2.85 -4.57 0.25
C ALA A 14 1.66 -3.72 0.70
N CYS A 15 0.73 -3.49 -0.22
CA CYS A 15 -0.48 -2.73 0.10
C CYS A 15 -1.69 -3.65 0.18
N VAL A 16 -2.44 -3.53 1.27
CA VAL A 16 -3.63 -4.36 1.47
C VAL A 16 -3.33 -5.83 1.19
N ALA A 1 -3.39 -4.60 -3.98
CA ALA A 1 -4.52 -3.64 -4.13
C ALA A 1 -4.03 -2.24 -3.76
N PRO A 2 -4.80 -1.23 -4.08
CA PRO A 2 -4.44 0.18 -3.76
C PRO A 2 -4.18 0.40 -2.28
N SER A 3 -3.11 1.13 -1.99
CA SER A 3 -2.74 1.42 -0.60
C SER A 3 -3.83 2.27 0.07
N ASN A 4 -4.35 3.24 -0.68
CA ASN A 4 -5.39 4.12 -0.17
C ASN A 4 -4.83 5.03 0.93
N VAL A 5 -4.61 4.47 2.12
CA VAL A 5 -4.07 5.24 3.23
C VAL A 5 -2.73 4.66 3.67
N LEU A 6 -2.71 3.34 3.82
CA LEU A 6 -1.50 2.65 4.25
C LEU A 6 -0.68 2.16 3.05
N SER A 7 -1.24 2.28 1.85
CA SER A 7 -0.54 1.85 0.65
C SER A 7 0.76 2.61 0.50
N LEU A 9 2.83 3.97 2.74
CA LEU A 9 3.91 3.56 3.62
C LEU A 9 4.54 2.26 3.10
N LEU A 10 3.69 1.36 2.63
CA LEU A 10 4.15 0.09 2.10
C LEU A 10 4.10 0.10 0.58
N TRP A 11 4.25 1.29 0.00
CA TRP A 11 4.21 1.44 -1.45
C TRP A 11 5.33 0.66 -2.10
N GLY A 12 4.95 -0.21 -3.04
CA GLY A 12 5.93 -1.01 -3.75
C GLY A 12 6.39 -2.20 -2.91
N ARG A 13 5.84 -2.33 -1.71
CA ARG A 13 6.21 -3.43 -0.82
C ARG A 13 5.04 -4.40 -0.65
N ALA A 14 3.88 -3.85 -0.28
CA ALA A 14 2.68 -4.67 -0.09
C ALA A 14 1.53 -3.83 0.44
N CYS A 15 0.58 -3.51 -0.43
CA CYS A 15 -0.58 -2.73 -0.02
C CYS A 15 -1.81 -3.62 0.09
N VAL A 16 -2.13 -4.03 1.32
CA VAL A 16 -3.27 -4.90 1.60
C VAL A 16 -3.48 -5.93 0.50
N ALA A 1 -3.21 -4.76 -3.94
CA ALA A 1 -4.37 -3.82 -4.01
C ALA A 1 -3.89 -2.41 -3.69
N PRO A 2 -4.66 -1.41 -4.03
CA PRO A 2 -4.30 0.01 -3.77
C PRO A 2 -4.05 0.26 -2.28
N SER A 3 -2.98 1.00 -1.99
CA SER A 3 -2.64 1.32 -0.61
C SER A 3 -3.73 2.16 0.02
N ASN A 4 -4.26 3.12 -0.74
CA ASN A 4 -5.32 4.00 -0.24
C ASN A 4 -4.79 4.89 0.88
N VAL A 5 -4.68 4.32 2.08
CA VAL A 5 -4.17 5.07 3.22
C VAL A 5 -2.84 4.49 3.70
N LEU A 6 -2.81 3.16 3.83
CA LEU A 6 -1.60 2.48 4.27
C LEU A 6 -0.73 2.03 3.09
N SER A 7 -1.24 2.16 1.87
CA SER A 7 -0.49 1.77 0.68
C SER A 7 0.82 2.56 0.61
N LEU A 9 2.79 3.75 2.90
CA LEU A 9 3.85 3.30 3.79
C LEU A 9 4.58 2.10 3.18
N LEU A 10 3.80 1.20 2.58
CA LEU A 10 4.38 0.01 1.95
C LEU A 10 4.27 0.12 0.44
N TRP A 11 4.34 1.34 -0.07
CA TRP A 11 4.24 1.54 -1.51
C TRP A 11 5.29 0.75 -2.26
N GLY A 12 4.84 -0.07 -3.20
CA GLY A 12 5.75 -0.88 -3.99
C GLY A 12 6.33 -2.02 -3.15
N ARG A 13 5.74 -2.25 -1.98
CA ARG A 13 6.22 -3.31 -1.10
C ARG A 13 5.10 -4.27 -0.71
N ALA A 14 3.99 -3.72 -0.22
CA ALA A 14 2.86 -4.56 0.19
C ALA A 14 1.64 -3.73 0.59
N CYS A 15 0.75 -3.50 -0.37
CA CYS A 15 -0.48 -2.75 -0.09
C CYS A 15 -1.69 -3.67 -0.17
N VAL A 16 -2.48 -3.69 0.89
CA VAL A 16 -3.66 -4.53 0.94
C VAL A 16 -4.67 -4.01 1.95
N ALA A 1 -3.51 -4.55 -4.05
CA ALA A 1 -4.64 -3.58 -4.08
C ALA A 1 -4.12 -2.18 -3.75
N PRO A 2 -4.86 -1.15 -4.07
CA PRO A 2 -4.44 0.26 -3.80
C PRO A 2 -4.17 0.49 -2.31
N SER A 3 -3.09 1.20 -2.02
CA SER A 3 -2.73 1.50 -0.64
C SER A 3 -3.81 2.35 0.02
N ASN A 4 -4.33 3.32 -0.74
CA ASN A 4 -5.37 4.21 -0.23
C ASN A 4 -4.82 5.11 0.87
N VAL A 5 -4.61 4.56 2.05
CA VAL A 5 -4.07 5.33 3.17
C VAL A 5 -2.75 4.72 3.62
N LEU A 6 -2.74 3.41 3.80
CA LEU A 6 -1.55 2.69 4.24
C LEU A 6 -0.72 2.21 3.04
N SER A 7 -1.25 2.35 1.83
CA SER A 7 -0.54 1.92 0.63
C SER A 7 0.77 2.67 0.51
N LEU A 9 2.83 3.98 2.80
CA LEU A 9 3.89 3.53 3.70
C LEU A 9 4.49 2.22 3.18
N LEU A 10 3.63 1.34 2.68
CA LEU A 10 4.07 0.05 2.17
C LEU A 10 4.05 0.08 0.64
N TRP A 11 4.25 1.27 0.08
CA TRP A 11 4.22 1.43 -1.37
C TRP A 11 5.34 0.65 -2.04
N GLY A 12 4.95 -0.17 -3.01
CA GLY A 12 5.91 -0.97 -3.75
C GLY A 12 6.34 -2.22 -2.96
N ARG A 13 5.77 -2.40 -1.77
CA ARG A 13 6.11 -3.55 -0.95
C ARG A 13 4.91 -4.47 -0.77
N ALA A 14 3.80 -3.91 -0.27
CA ALA A 14 2.60 -4.68 -0.05
C ALA A 14 1.46 -3.81 0.47
N CYS A 15 0.53 -3.47 -0.42
CA CYS A 15 -0.61 -2.64 -0.04
C CYS A 15 -1.87 -3.49 0.08
N VAL A 16 -1.71 -4.71 0.58
CA VAL A 16 -2.85 -5.61 0.73
C VAL A 16 -2.99 -6.06 2.18
N ALA A 1 -3.36 -4.74 -4.00
CA ALA A 1 -4.54 -3.82 -3.97
C ALA A 1 -4.07 -2.41 -3.67
N PRO A 2 -4.88 -1.41 -3.95
CA PRO A 2 -4.52 0.01 -3.69
C PRO A 2 -4.19 0.25 -2.23
N SER A 3 -3.12 1.01 -2.00
CA SER A 3 -2.68 1.32 -0.64
C SER A 3 -3.74 2.14 0.08
N ASN A 4 -4.34 3.07 -0.64
CA ASN A 4 -5.37 3.96 -0.07
C ASN A 4 -4.78 4.80 1.05
N VAL A 5 -4.69 4.22 2.25
CA VAL A 5 -4.14 4.94 3.39
C VAL A 5 -2.76 4.41 3.75
N LEU A 6 -2.66 3.08 3.84
CA LEU A 6 -1.39 2.44 4.20
C LEU A 6 -0.59 2.02 2.97
N SER A 7 -1.17 2.16 1.78
CA SER A 7 -0.47 1.78 0.55
C SER A 7 0.81 2.60 0.41
N LEU A 9 2.80 4.01 2.73
CA LEU A 9 3.87 3.63 3.64
C LEU A 9 4.53 2.33 3.16
N LEU A 10 3.69 1.41 2.68
CA LEU A 10 4.17 0.14 2.18
C LEU A 10 4.18 0.14 0.66
N TRP A 11 4.33 1.33 0.08
CA TRP A 11 4.33 1.48 -1.37
C TRP A 11 5.48 0.72 -2.01
N GLY A 12 5.14 -0.12 -2.99
CA GLY A 12 6.15 -0.90 -3.69
C GLY A 12 6.57 -2.13 -2.90
N ARG A 13 5.96 -2.32 -1.73
CA ARG A 13 6.30 -3.47 -0.89
C ARG A 13 5.11 -4.41 -0.77
N ALA A 14 3.95 -3.87 -0.42
CA ALA A 14 2.75 -4.68 -0.29
C ALA A 14 1.57 -3.84 0.22
N CYS A 15 0.65 -3.50 -0.68
CA CYS A 15 -0.52 -2.72 -0.30
C CYS A 15 -1.77 -3.59 -0.33
N VAL A 16 -2.46 -3.66 0.81
CA VAL A 16 -3.66 -4.45 0.91
C VAL A 16 -4.57 -3.93 2.03
N ALA A 1 -3.23 -4.70 -4.06
CA ALA A 1 -4.37 -3.75 -4.12
C ALA A 1 -3.88 -2.34 -3.78
N PRO A 2 -4.65 -1.34 -4.13
CA PRO A 2 -4.27 0.08 -3.84
C PRO A 2 -4.03 0.32 -2.36
N SER A 3 -2.97 1.06 -2.05
CA SER A 3 -2.63 1.36 -0.66
C SER A 3 -3.72 2.19 -0.01
N ASN A 4 -4.27 3.13 -0.77
CA ASN A 4 -5.33 4.02 -0.26
C ASN A 4 -4.79 4.86 0.90
N VAL A 5 -4.79 4.30 2.10
CA VAL A 5 -4.31 5.02 3.26
C VAL A 5 -2.96 4.46 3.72
N LEU A 6 -2.87 3.14 3.82
CA LEU A 6 -1.64 2.50 4.26
C LEU A 6 -0.77 2.06 3.08
N SER A 7 -1.26 2.21 1.86
CA SER A 7 -0.50 1.80 0.67
C SER A 7 0.81 2.58 0.62
N LEU A 9 2.79 3.70 2.92
CA LEU A 9 3.85 3.23 3.81
C LEU A 9 4.56 2.02 3.20
N LEU A 10 3.79 1.14 2.57
CA LEU A 10 4.34 -0.05 1.94
C LEU A 10 4.25 0.08 0.42
N TRP A 11 4.32 1.29 -0.09
CA TRP A 11 4.22 1.52 -1.52
C TRP A 11 5.28 0.74 -2.28
N GLY A 12 4.82 -0.07 -3.22
CA GLY A 12 5.74 -0.88 -4.02
C GLY A 12 6.32 -2.03 -3.20
N ARG A 13 5.74 -2.27 -2.02
CA ARG A 13 6.23 -3.34 -1.16
C ARG A 13 5.11 -4.30 -0.77
N ALA A 14 4.01 -3.75 -0.25
CA ALA A 14 2.88 -4.58 0.16
C ALA A 14 1.68 -3.75 0.59
N CYS A 15 0.76 -3.51 -0.34
CA CYS A 15 -0.45 -2.75 -0.03
C CYS A 15 -1.67 -3.66 -0.03
N VAL A 16 -2.38 -3.70 1.09
CA VAL A 16 -3.57 -4.52 1.20
C VAL A 16 -4.51 -3.97 2.26
N ALA A 1 -3.36 -4.74 -4.00
CA ALA A 1 -4.54 -3.82 -3.97
C ALA A 1 -4.07 -2.40 -3.67
N PRO A 2 -4.88 -1.41 -3.95
CA PRO A 2 -4.52 0.01 -3.69
C PRO A 2 -4.19 0.25 -2.23
N SER A 3 -3.12 1.01 -2.00
CA SER A 3 -2.68 1.32 -0.64
C SER A 3 -3.74 2.14 0.08
N ASN A 4 -4.34 3.08 -0.65
CA ASN A 4 -5.36 3.95 -0.07
C ASN A 4 -4.78 4.80 1.05
N VAL A 5 -4.69 4.23 2.24
CA VAL A 5 -4.14 4.95 3.38
C VAL A 5 -2.76 4.41 3.75
N LEU A 6 -2.66 3.08 3.84
CA LEU A 6 -1.39 2.44 4.20
C LEU A 6 -0.59 2.02 2.97
N SER A 7 -1.17 2.16 1.78
CA SER A 7 -0.47 1.78 0.55
C SER A 7 0.81 2.59 0.40
N LEU A 9 2.80 4.01 2.73
CA LEU A 9 3.87 3.63 3.65
C LEU A 9 4.52 2.34 3.16
N LEU A 10 3.69 1.41 2.68
CA LEU A 10 4.19 0.14 2.18
C LEU A 10 4.18 0.14 0.66
N TRP A 11 4.34 1.33 0.08
CA TRP A 11 4.33 1.48 -1.37
C TRP A 11 5.48 0.72 -2.01
N GLY A 12 5.13 -0.12 -2.99
CA GLY A 12 6.15 -0.89 -3.70
C GLY A 12 6.56 -2.13 -2.90
N ARG A 13 5.96 -2.32 -1.73
CA ARG A 13 6.30 -3.47 -0.89
C ARG A 13 5.11 -4.41 -0.77
N ALA A 14 3.95 -3.87 -0.42
CA ALA A 14 2.75 -4.68 -0.28
C ALA A 14 1.57 -3.84 0.22
N CYS A 15 0.65 -3.51 -0.67
CA CYS A 15 -0.53 -2.73 -0.30
C CYS A 15 -1.78 -3.60 -0.32
N VAL A 16 -2.46 -3.67 0.82
CA VAL A 16 -3.66 -4.46 0.91
C VAL A 16 -4.57 -3.93 2.03
N ALA A 1 -3.66 -4.85 -3.26
CA ALA A 1 -4.46 -3.71 -3.77
C ALA A 1 -3.69 -2.41 -3.53
N PRO A 2 -4.07 -1.35 -4.20
CA PRO A 2 -3.41 -0.02 -4.02
C PRO A 2 -3.48 0.50 -2.58
N SER A 3 -2.47 1.25 -2.17
CA SER A 3 -2.42 1.82 -0.83
C SER A 3 -3.60 2.79 -0.64
N ASN A 4 -4.75 2.27 -0.24
CA ASN A 4 -5.92 3.11 -0.05
C ASN A 4 -5.67 4.16 1.03
N VAL A 5 -5.01 3.75 2.09
CA VAL A 5 -4.70 4.67 3.19
C VAL A 5 -3.26 4.50 3.63
N LEU A 6 -2.85 3.24 3.81
CA LEU A 6 -1.49 2.95 4.24
C LEU A 6 -0.64 2.42 3.08
N SER A 7 -1.10 2.62 1.85
CA SER A 7 -0.35 2.15 0.68
C SER A 7 1.02 2.80 0.65
N LEU A 9 3.07 3.71 2.97
CA LEU A 9 4.08 3.11 3.85
C LEU A 9 4.69 1.87 3.22
N LEU A 10 3.84 1.08 2.57
CA LEU A 10 4.29 -0.14 1.90
C LEU A 10 4.19 0.02 0.39
N TRP A 11 4.41 1.25 -0.08
CA TRP A 11 4.31 1.51 -1.51
C TRP A 11 5.31 0.68 -2.29
N GLY A 12 4.78 -0.13 -3.20
CA GLY A 12 5.64 -0.99 -4.02
C GLY A 12 6.08 -2.24 -3.26
N ARG A 13 5.63 -2.36 -2.01
CA ARG A 13 6.00 -3.52 -1.19
C ARG A 13 4.80 -4.37 -0.84
N ALA A 14 3.75 -3.74 -0.29
CA ALA A 14 2.56 -4.49 0.09
C ALA A 14 1.43 -3.57 0.56
N CYS A 15 0.51 -3.24 -0.34
CA CYS A 15 -0.63 -2.39 0.02
C CYS A 15 -1.89 -3.24 0.10
N VAL A 16 -2.62 -3.09 1.21
CA VAL A 16 -3.86 -3.84 1.42
C VAL A 16 -3.67 -5.31 1.07
N ALA A 1 -3.24 -4.67 -4.10
CA ALA A 1 -4.39 -3.73 -4.15
C ALA A 1 -3.90 -2.32 -3.81
N PRO A 2 -4.66 -1.31 -4.14
CA PRO A 2 -4.29 0.11 -3.84
C PRO A 2 -4.04 0.34 -2.36
N SER A 3 -2.98 1.07 -2.05
CA SER A 3 -2.63 1.36 -0.67
C SER A 3 -3.72 2.19 -0.01
N ASN A 4 -4.27 3.14 -0.76
CA ASN A 4 -5.33 4.02 -0.26
C ASN A 4 -4.80 4.87 0.90
N VAL A 5 -4.79 4.30 2.11
CA VAL A 5 -4.30 5.02 3.27
C VAL A 5 -2.95 4.46 3.72
N LEU A 6 -2.87 3.14 3.82
CA LEU A 6 -1.63 2.49 4.26
C LEU A 6 -0.77 2.06 3.08
N SER A 7 -1.27 2.21 1.86
CA SER A 7 -0.49 1.80 0.67
C SER A 7 0.82 2.58 0.61
N LEU A 9 2.79 3.70 2.92
CA LEU A 9 3.85 3.22 3.80
C LEU A 9 4.55 2.02 3.19
N LEU A 10 3.78 1.14 2.57
CA LEU A 10 4.32 -0.05 1.93
C LEU A 10 4.22 0.07 0.42
N TRP A 11 4.31 1.29 -0.09
CA TRP A 11 4.21 1.53 -1.52
C TRP A 11 5.27 0.76 -2.28
N GLY A 12 4.82 -0.10 -3.19
CA GLY A 12 5.74 -0.90 -3.99
C GLY A 12 6.27 -2.09 -3.21
N ARG A 13 5.81 -2.26 -1.97
CA ARG A 13 6.28 -3.37 -1.15
C ARG A 13 5.13 -4.30 -0.78
N ALA A 14 4.04 -3.74 -0.25
CA ALA A 14 2.90 -4.57 0.14
C ALA A 14 1.70 -3.73 0.57
N CYS A 15 0.76 -3.51 -0.35
CA CYS A 15 -0.45 -2.75 -0.03
C CYS A 15 -1.66 -3.65 -0.02
N VAL A 16 -2.35 -3.70 1.10
CA VAL A 16 -3.54 -4.54 1.22
C VAL A 16 -4.46 -4.01 2.31
#